data_9I6X
#
_entry.id   9I6X
#
_cell.length_a   82.887
_cell.length_b   112.976
_cell.length_c   62.855
_cell.angle_alpha   90.00
_cell.angle_beta   90.00
_cell.angle_gamma   90.00
#
_symmetry.space_group_name_H-M   'C 2 2 21'
#
loop_
_entity.id
_entity.type
_entity.pdbx_description
1 polymer '14-3-3 protein sigma'
2 polymer 'Estrogen receptor'
3 non-polymer 2-chloranyl-~{N}-[4-[6-chloranyl-3-[(2,6-dimethylphenyl)amino]imidazo[1,2-a]pyridin-2-yl]-3-fluoranyl-phenyl]ethanamide
4 non-polymer 'CALCIUM ION'
5 non-polymer 'CHLORIDE ION'
6 water water
#
loop_
_entity_poly.entity_id
_entity_poly.type
_entity_poly.pdbx_seq_one_letter_code
_entity_poly.pdbx_strand_id
1 'polypeptide(L)'
;GAMGSMERASLIQKAKLAEQAERYEDMAAFMKGAVEKGEELSCEERNLLSVAYKNVVGGQRAAWRVLSSIEQKSNEEGSE
EKGPEVREYREKVETELQGVCDTVLGLLDSHLIKEAGDAESRVFYLKMKGDYYRYLAEVATGDDKKRIIDSARSAYQEAM
DISKKEMPPTNPIRLGLALNFSVFHYEIANSPEEAISLAKTTFDEAMADLHTLSEDSYKDSTLIMQLLRDNLTLWT
;
A
2 'polypeptide(L)' FPA(TPO)V B
#
# COMPACT_ATOMS: atom_id res chain seq x y z
N GLY A 1 -19.36 15.05 0.36
CA GLY A 1 -19.75 14.17 1.46
C GLY A 1 -19.88 14.93 2.78
N ALA A 2 -19.47 14.26 3.86
CA ALA A 2 -19.38 14.87 5.18
C ALA A 2 -18.54 16.14 5.10
N MET A 3 -17.48 16.14 4.25
CA MET A 3 -16.57 17.26 4.20
C MET A 3 -16.92 18.23 3.09
N GLY A 4 -18.11 18.09 2.51
CA GLY A 4 -18.49 18.89 1.35
C GLY A 4 -18.54 20.39 1.60
N SER A 5 -18.75 20.79 2.85
CA SER A 5 -18.87 22.19 3.18
C SER A 5 -17.53 22.82 3.59
N MET A 6 -16.45 22.03 3.72
CA MET A 6 -15.18 22.58 4.14
C MET A 6 -14.30 22.87 2.94
N GLU A 7 -13.62 24.03 2.96
CA GLU A 7 -12.67 24.37 1.92
C GLU A 7 -11.59 23.32 1.70
N ARG A 8 -11.19 23.12 0.44
CA ARG A 8 -10.10 22.23 0.11
C ARG A 8 -8.84 22.55 0.94
N ALA A 9 -8.46 23.84 0.99
CA ALA A 9 -7.23 24.19 1.67
C ALA A 9 -7.32 23.89 3.16
N SER A 10 -8.50 24.08 3.76
CA SER A 10 -8.72 23.80 5.18
C SER A 10 -8.65 22.30 5.46
N LEU A 11 -9.16 21.47 4.53
CA LEU A 11 -9.03 20.03 4.67
C LEU A 11 -7.57 19.60 4.67
N ILE A 12 -6.76 20.18 3.79
CA ILE A 12 -5.33 19.86 3.71
CA ILE A 12 -5.35 19.81 3.74
C ILE A 12 -4.63 20.31 5.00
N GLN A 13 -4.96 21.54 5.46
CA GLN A 13 -4.35 22.05 6.68
C GLN A 13 -4.65 21.12 7.86
N LYS A 14 -5.93 20.72 7.97
CA LYS A 14 -6.36 19.86 9.06
C LYS A 14 -5.80 18.45 8.95
N ALA A 15 -5.60 17.93 7.73
CA ALA A 15 -4.90 16.65 7.58
C ALA A 15 -3.49 16.72 8.17
N LYS A 16 -2.78 17.84 7.93
CA LYS A 16 -1.46 17.98 8.48
C LYS A 16 -1.47 18.04 10.02
N LEU A 17 -2.45 18.76 10.59
CA LEU A 17 -2.63 18.79 12.04
C LEU A 17 -2.93 17.39 12.61
N ALA A 18 -3.81 16.66 11.92
CA ALA A 18 -4.18 15.33 12.36
C ALA A 18 -2.97 14.41 12.34
N GLU A 19 -2.10 14.56 11.33
CA GLU A 19 -0.87 13.79 11.30
C GLU A 19 0.00 14.09 12.54
N GLN A 20 0.18 15.37 12.85
CA GLN A 20 0.98 15.75 14.02
C GLN A 20 0.45 15.17 15.33
N ALA A 21 -0.90 15.10 15.42
CA ALA A 21 -1.60 14.54 16.55
C ALA A 21 -1.76 13.02 16.55
N GLU A 22 -1.25 12.36 15.49
CA GLU A 22 -1.42 10.92 15.30
C GLU A 22 -2.88 10.46 15.28
N ARG A 23 -3.72 11.30 14.67
CA ARG A 23 -5.14 11.03 14.49
C ARG A 23 -5.39 10.60 13.05
N TYR A 24 -4.99 9.36 12.73
CA TYR A 24 -4.93 8.96 11.33
C TYR A 24 -6.31 8.71 10.71
N GLU A 25 -7.30 8.29 11.50
CA GLU A 25 -8.67 8.20 10.96
C GLU A 25 -9.19 9.58 10.54
N ASP A 26 -8.97 10.60 11.37
CA ASP A 26 -9.31 11.96 11.00
C ASP A 26 -8.54 12.41 9.77
N MET A 27 -7.24 12.11 9.73
CA MET A 27 -6.40 12.52 8.60
C MET A 27 -6.97 11.94 7.30
N ALA A 28 -7.35 10.66 7.35
CA ALA A 28 -7.88 9.97 6.18
C ALA A 28 -9.20 10.59 5.73
N ALA A 29 -10.08 10.91 6.69
CA ALA A 29 -11.34 11.55 6.36
C ALA A 29 -11.18 12.93 5.73
N PHE A 30 -10.21 13.71 6.23
CA PHE A 30 -9.91 15.01 5.65
C PHE A 30 -9.37 14.85 4.22
N MET A 31 -8.48 13.88 4.02
CA MET A 31 -7.92 13.69 2.69
C MET A 31 -8.90 13.10 1.68
N LYS A 32 -9.83 12.25 2.14
CA LYS A 32 -10.94 11.82 1.30
C LYS A 32 -11.75 13.03 0.84
N GLY A 33 -12.07 13.91 1.80
CA GLY A 33 -12.76 15.12 1.44
C GLY A 33 -12.03 15.98 0.43
N ALA A 34 -10.71 16.09 0.60
CA ALA A 34 -9.92 16.85 -0.35
C ALA A 34 -9.95 16.24 -1.75
N VAL A 35 -9.81 14.92 -1.84
CA VAL A 35 -9.84 14.24 -3.13
C VAL A 35 -11.20 14.51 -3.80
N GLU A 36 -12.28 14.41 -3.01
CA GLU A 36 -13.62 14.55 -3.58
C GLU A 36 -13.93 15.96 -4.04
N LYS A 37 -13.07 16.94 -3.75
CA LYS A 37 -13.19 18.23 -4.40
C LYS A 37 -13.01 18.22 -5.91
N GLY A 38 -12.35 17.16 -6.42
CA GLY A 38 -12.28 16.93 -7.85
C GLY A 38 -11.02 17.41 -8.55
N GLU A 39 -10.18 18.19 -7.83
CA GLU A 39 -8.94 18.67 -8.39
C GLU A 39 -7.85 17.60 -8.23
N GLU A 40 -6.86 17.62 -9.13
CA GLU A 40 -5.68 16.78 -8.97
C GLU A 40 -4.94 17.11 -7.66
N LEU A 41 -4.17 16.15 -7.15
CA LEU A 41 -3.37 16.33 -5.96
C LEU A 41 -1.92 16.62 -6.31
N SER A 42 -1.32 17.53 -5.56
CA SER A 42 0.12 17.76 -5.60
C SER A 42 0.88 16.59 -5.00
N CYS A 43 2.20 16.61 -5.19
CA CYS A 43 3.02 15.59 -4.56
C CYS A 43 2.83 15.51 -3.04
N GLU A 44 2.90 16.66 -2.38
CA GLU A 44 2.71 16.70 -0.94
C GLU A 44 1.33 16.15 -0.54
N GLU A 45 0.29 16.53 -1.31
CA GLU A 45 -1.07 16.11 -1.00
C GLU A 45 -1.24 14.60 -1.21
N ARG A 46 -0.66 14.04 -2.27
CA ARG A 46 -0.77 12.60 -2.44
C ARG A 46 -0.03 11.86 -1.33
N ASN A 47 1.05 12.43 -0.81
CA ASN A 47 1.74 11.83 0.34
C ASN A 47 0.85 11.82 1.59
N LEU A 48 0.09 12.89 1.82
CA LEU A 48 -0.83 12.94 2.95
C LEU A 48 -1.92 11.87 2.83
N LEU A 49 -2.45 11.70 1.62
CA LEU A 49 -3.45 10.69 1.38
C LEU A 49 -2.91 9.31 1.71
N SER A 50 -1.70 9.02 1.20
CA SER A 50 -1.14 7.68 1.36
CA SER A 50 -1.12 7.69 1.36
C SER A 50 -0.79 7.41 2.83
N VAL A 51 -0.18 8.39 3.51
CA VAL A 51 0.18 8.19 4.91
C VAL A 51 -1.05 7.89 5.76
N ALA A 52 -2.12 8.65 5.53
CA ALA A 52 -3.31 8.51 6.35
C ALA A 52 -3.88 7.11 6.23
N TYR A 53 -4.15 6.66 4.99
CA TYR A 53 -4.74 5.36 4.82
C TYR A 53 -3.79 4.22 5.18
N LYS A 54 -2.48 4.40 4.93
CA LYS A 54 -1.53 3.36 5.30
C LYS A 54 -1.60 3.06 6.81
N ASN A 55 -1.69 4.12 7.60
CA ASN A 55 -1.73 3.97 9.03
C ASN A 55 -3.06 3.37 9.50
N VAL A 56 -4.18 3.80 8.88
CA VAL A 56 -5.48 3.23 9.27
C VAL A 56 -5.50 1.73 8.92
N VAL A 57 -5.17 1.37 7.68
CA VAL A 57 -5.27 -0.03 7.27
CA VAL A 57 -5.29 -0.04 7.31
C VAL A 57 -4.19 -0.85 8.01
N GLY A 58 -3.04 -0.22 8.29
CA GLY A 58 -1.99 -0.93 9.01
C GLY A 58 -2.44 -1.41 10.39
N GLY A 59 -3.18 -0.54 11.10
CA GLY A 59 -3.72 -0.95 12.39
C GLY A 59 -4.75 -2.08 12.24
N GLN A 60 -5.57 -2.00 11.18
CA GLN A 60 -6.58 -3.03 10.95
C GLN A 60 -5.92 -4.37 10.63
N ARG A 61 -4.89 -4.34 9.77
CA ARG A 61 -4.16 -5.54 9.42
C ARG A 61 -3.53 -6.20 10.65
N ALA A 62 -2.93 -5.39 11.53
CA ALA A 62 -2.30 -5.94 12.72
C ALA A 62 -3.37 -6.60 13.60
N ALA A 63 -4.52 -5.94 13.77
CA ALA A 63 -5.60 -6.50 14.58
C ALA A 63 -6.15 -7.80 13.97
N TRP A 64 -6.35 -7.79 12.64
CA TRP A 64 -6.79 -8.97 11.94
C TRP A 64 -5.87 -10.16 12.17
N ARG A 65 -4.55 -9.91 12.09
CA ARG A 65 -3.61 -10.99 12.29
C ARG A 65 -3.70 -11.58 13.70
N VAL A 66 -3.88 -10.73 14.71
CA VAL A 66 -4.04 -11.22 16.08
C VAL A 66 -5.25 -12.12 16.17
N LEU A 67 -6.39 -11.63 15.63
CA LEU A 67 -7.63 -12.36 15.75
C LEU A 67 -7.60 -13.65 14.94
N SER A 68 -7.02 -13.61 13.74
CA SER A 68 -6.89 -14.80 12.91
CA SER A 68 -6.88 -14.80 12.92
C SER A 68 -6.08 -15.90 13.62
N SER A 69 -4.99 -15.49 14.28
CA SER A 69 -4.18 -16.46 15.02
C SER A 69 -4.96 -17.12 16.15
N ILE A 70 -5.72 -16.32 16.91
CA ILE A 70 -6.58 -16.85 17.97
C ILE A 70 -7.60 -17.84 17.39
N GLU A 71 -8.16 -17.46 16.25
CA GLU A 71 -9.16 -18.29 15.61
C GLU A 71 -8.58 -19.63 15.15
N GLN A 72 -7.37 -19.56 14.58
CA GLN A 72 -6.71 -20.77 14.11
C GLN A 72 -6.42 -21.71 15.29
N LYS A 73 -5.99 -21.14 16.42
CA LYS A 73 -5.77 -21.94 17.61
C LYS A 73 -7.04 -22.59 18.16
N SER A 74 -8.15 -21.85 18.09
CA SER A 74 -9.44 -22.35 18.53
C SER A 74 -9.90 -23.57 17.73
N ASN A 75 -9.37 -23.72 16.51
CA ASN A 75 -9.75 -24.81 15.64
C ASN A 75 -8.81 -26.01 15.66
N GLU A 76 -7.77 -25.98 16.53
CA GLU A 76 -6.87 -27.11 16.67
C GLU A 76 -7.47 -28.29 17.44
N GLU A 77 -6.88 -29.47 17.23
CA GLU A 77 -7.07 -30.63 18.08
C GLU A 77 -6.92 -30.30 19.57
N GLY A 78 -7.91 -30.71 20.38
CA GLY A 78 -7.85 -30.50 21.83
C GLY A 78 -8.30 -29.13 22.32
N SER A 79 -8.70 -28.25 21.40
CA SER A 79 -9.18 -26.93 21.76
C SER A 79 -10.64 -27.00 22.20
N GLU A 80 -10.95 -26.38 23.35
CA GLU A 80 -12.29 -26.37 23.90
C GLU A 80 -13.15 -25.41 23.09
N GLU A 81 -14.41 -25.82 22.83
CA GLU A 81 -15.35 -25.01 22.09
C GLU A 81 -15.67 -23.74 22.88
N LYS A 82 -15.64 -22.58 22.22
CA LYS A 82 -15.86 -21.30 22.88
C LYS A 82 -16.98 -20.49 22.25
N GLY A 83 -17.58 -21.06 21.18
CA GLY A 83 -18.70 -20.46 20.51
C GLY A 83 -18.29 -19.61 19.32
N PRO A 84 -19.23 -18.84 18.75
CA PRO A 84 -19.00 -18.12 17.51
C PRO A 84 -18.26 -16.79 17.65
N GLU A 85 -17.92 -16.37 18.88
CA GLU A 85 -17.49 -15.00 19.10
C GLU A 85 -16.15 -14.64 18.44
N VAL A 86 -15.17 -15.55 18.47
CA VAL A 86 -13.88 -15.26 17.84
C VAL A 86 -14.06 -15.02 16.33
N ARG A 87 -14.80 -15.95 15.67
CA ARG A 87 -15.06 -15.79 14.24
C ARG A 87 -15.83 -14.50 13.98
N GLU A 88 -16.88 -14.21 14.77
CA GLU A 88 -17.69 -13.03 14.56
C GLU A 88 -16.82 -11.77 14.63
N TYR A 89 -15.95 -11.70 15.65
CA TYR A 89 -15.16 -10.49 15.84
C TYR A 89 -14.07 -10.36 14.76
N ARG A 90 -13.43 -11.47 14.38
CA ARG A 90 -12.50 -11.45 13.26
C ARG A 90 -13.22 -10.95 12.00
N GLU A 91 -14.44 -11.45 11.78
N GLU A 91 -14.44 -11.43 11.75
CA GLU A 91 -15.25 -11.03 10.64
CA GLU A 91 -15.20 -10.96 10.61
C GLU A 91 -15.59 -9.54 10.68
C GLU A 91 -15.55 -9.49 10.68
N LYS A 92 -15.85 -9.00 11.88
CA LYS A 92 -16.14 -7.57 12.04
C LYS A 92 -14.92 -6.73 11.60
N VAL A 93 -13.77 -7.08 12.14
CA VAL A 93 -12.55 -6.35 11.81
C VAL A 93 -12.24 -6.48 10.32
N GLU A 94 -12.38 -7.70 9.80
CA GLU A 94 -12.15 -7.95 8.38
C GLU A 94 -13.03 -7.06 7.49
N THR A 95 -14.31 -6.98 7.86
CA THR A 95 -15.26 -6.21 7.06
C THR A 95 -14.88 -4.71 7.08
N GLU A 96 -14.46 -4.20 8.24
CA GLU A 96 -13.99 -2.83 8.36
CA GLU A 96 -14.03 -2.82 8.31
C GLU A 96 -12.76 -2.58 7.48
N LEU A 97 -11.79 -3.52 7.53
CA LEU A 97 -10.60 -3.45 6.69
C LEU A 97 -10.94 -3.43 5.20
N GLN A 98 -11.84 -4.34 4.80
CA GLN A 98 -12.27 -4.36 3.41
C GLN A 98 -12.93 -3.05 3.03
N GLY A 99 -13.71 -2.47 3.95
CA GLY A 99 -14.33 -1.20 3.65
C GLY A 99 -13.36 -0.05 3.40
N VAL A 100 -12.29 -0.01 4.20
CA VAL A 100 -11.25 0.99 4.00
C VAL A 100 -10.55 0.79 2.65
N CYS A 101 -10.22 -0.46 2.33
CA CYS A 101 -9.62 -0.75 1.05
C CYS A 101 -10.52 -0.33 -0.12
N ASP A 102 -11.82 -0.65 -0.01
CA ASP A 102 -12.78 -0.26 -1.03
C ASP A 102 -12.86 1.26 -1.16
N THR A 103 -12.79 1.96 -0.04
CA THR A 103 -12.81 3.43 -0.06
C THR A 103 -11.62 3.97 -0.84
N VAL A 104 -10.40 3.48 -0.54
CA VAL A 104 -9.21 3.96 -1.23
C VAL A 104 -9.28 3.63 -2.73
N LEU A 105 -9.63 2.36 -3.04
CA LEU A 105 -9.75 1.97 -4.42
C LEU A 105 -10.76 2.83 -5.15
N GLY A 106 -11.85 3.17 -4.45
CA GLY A 106 -12.83 4.05 -5.05
C GLY A 106 -12.31 5.44 -5.40
N LEU A 107 -11.53 6.03 -4.51
CA LEU A 107 -10.91 7.31 -4.79
C LEU A 107 -9.97 7.24 -5.99
N LEU A 108 -9.21 6.14 -6.07
CA LEU A 108 -8.28 5.96 -7.17
C LEU A 108 -9.05 5.85 -8.49
N ASP A 109 -10.18 5.12 -8.47
CA ASP A 109 -10.99 4.92 -9.67
C ASP A 109 -11.88 6.11 -10.02
N SER A 110 -12.12 7.02 -9.08
CA SER A 110 -13.05 8.12 -9.25
C SER A 110 -12.48 9.39 -8.58
N HIS A 111 -11.49 10.04 -9.20
CA HIS A 111 -10.99 9.83 -10.54
C HIS A 111 -9.48 10.06 -10.60
N LEU A 112 -8.75 9.68 -9.53
CA LEU A 112 -7.35 10.07 -9.45
C LEU A 112 -6.52 9.48 -10.60
N ILE A 113 -6.64 8.18 -10.84
CA ILE A 113 -5.81 7.52 -11.84
C ILE A 113 -6.06 8.07 -13.23
N LYS A 114 -7.33 8.22 -13.63
CA LYS A 114 -7.58 8.62 -14.99
C LYS A 114 -7.13 10.04 -15.31
N GLU A 115 -7.02 10.92 -14.31
N GLU A 115 -7.05 10.90 -14.28
CA GLU A 115 -6.55 12.26 -14.59
CA GLU A 115 -6.59 12.28 -14.45
C GLU A 115 -5.04 12.44 -14.36
C GLU A 115 -5.06 12.44 -14.35
N ALA A 116 -4.37 11.37 -13.91
CA ALA A 116 -2.93 11.40 -13.67
C ALA A 116 -2.14 11.02 -14.93
N GLY A 117 -1.51 12.03 -15.51
CA GLY A 117 -0.78 11.89 -16.77
C GLY A 117 0.72 11.87 -16.62
N ASP A 118 1.22 12.53 -15.57
CA ASP A 118 2.64 12.54 -15.37
C ASP A 118 3.04 11.19 -14.80
N ALA A 119 4.22 10.74 -15.18
CA ALA A 119 4.64 9.43 -14.74
C ALA A 119 4.66 9.29 -13.22
N GLU A 120 5.15 10.32 -12.53
CA GLU A 120 5.33 10.23 -11.10
C GLU A 120 3.98 10.07 -10.41
N SER A 121 2.97 10.81 -10.86
CA SER A 121 1.66 10.71 -10.25
CA SER A 121 1.66 10.70 -10.22
C SER A 121 1.00 9.37 -10.58
N ARG A 122 1.04 9.01 -11.86
CA ARG A 122 0.37 7.80 -12.28
C ARG A 122 0.95 6.58 -11.57
N VAL A 123 2.30 6.51 -11.53
CA VAL A 123 2.93 5.39 -10.84
C VAL A 123 2.56 5.35 -9.35
N PHE A 124 2.57 6.51 -8.70
CA PHE A 124 2.20 6.59 -7.30
C PHE A 124 0.81 5.98 -7.04
N TYR A 125 -0.17 6.38 -7.87
CA TYR A 125 -1.52 5.89 -7.67
C TYR A 125 -1.68 4.43 -8.05
N LEU A 126 -0.99 3.99 -9.10
CA LEU A 126 -1.07 2.57 -9.46
C LEU A 126 -0.41 1.68 -8.40
N LYS A 127 0.69 2.15 -7.79
CA LYS A 127 1.26 1.43 -6.65
C LYS A 127 0.23 1.31 -5.53
N MET A 128 -0.46 2.41 -5.21
CA MET A 128 -1.51 2.36 -4.21
C MET A 128 -2.57 1.31 -4.58
N LYS A 129 -2.99 1.31 -5.85
CA LYS A 129 -4.01 0.36 -6.27
C LYS A 129 -3.52 -1.07 -6.00
N GLY A 130 -2.26 -1.35 -6.40
CA GLY A 130 -1.73 -2.69 -6.12
C GLY A 130 -1.71 -3.03 -4.63
N ASP A 131 -1.26 -2.07 -3.82
CA ASP A 131 -1.15 -2.26 -2.38
C ASP A 131 -2.52 -2.59 -1.75
N TYR A 132 -3.55 -1.83 -2.12
CA TYR A 132 -4.83 -2.05 -1.46
C TYR A 132 -5.54 -3.32 -1.98
N TYR A 133 -5.34 -3.71 -3.25
CA TYR A 133 -5.76 -5.04 -3.65
C TYR A 133 -4.95 -6.10 -2.90
N ARG A 134 -3.65 -5.88 -2.66
CA ARG A 134 -2.87 -6.82 -1.89
C ARG A 134 -3.46 -6.99 -0.48
N TYR A 135 -3.83 -5.89 0.16
CA TYR A 135 -4.44 -6.03 1.48
C TYR A 135 -5.77 -6.79 1.43
N LEU A 136 -6.58 -6.57 0.38
CA LEU A 136 -7.77 -7.41 0.20
C LEU A 136 -7.42 -8.87 0.01
N ALA A 137 -6.32 -9.15 -0.71
CA ALA A 137 -5.90 -10.52 -0.94
C ALA A 137 -5.47 -11.22 0.35
N GLU A 138 -4.88 -10.47 1.28
CA GLU A 138 -4.42 -11.05 2.53
C GLU A 138 -5.55 -11.69 3.33
N VAL A 139 -6.77 -11.18 3.18
CA VAL A 139 -7.91 -11.69 3.93
C VAL A 139 -8.93 -12.49 3.10
N ALA A 140 -8.66 -12.64 1.80
CA ALA A 140 -9.58 -13.27 0.87
C ALA A 140 -9.45 -14.78 0.93
N THR A 141 -10.60 -15.46 0.94
CA THR A 141 -10.67 -16.91 1.04
C THR A 141 -11.71 -17.55 0.14
N GLY A 142 -12.53 -16.74 -0.53
CA GLY A 142 -13.60 -17.26 -1.36
C GLY A 142 -13.31 -17.30 -2.86
N ASP A 143 -14.40 -17.27 -3.63
CA ASP A 143 -14.32 -17.52 -5.06
C ASP A 143 -13.80 -16.32 -5.86
N ASP A 144 -13.54 -15.20 -5.16
CA ASP A 144 -12.95 -14.02 -5.76
C ASP A 144 -11.47 -13.82 -5.44
N LYS A 145 -10.85 -14.70 -4.66
CA LYS A 145 -9.45 -14.52 -4.27
C LYS A 145 -8.50 -14.44 -5.46
N LYS A 146 -8.68 -15.34 -6.43
CA LYS A 146 -7.88 -15.30 -7.63
C LYS A 146 -8.03 -13.95 -8.33
N ARG A 147 -9.27 -13.45 -8.45
CA ARG A 147 -9.51 -12.23 -9.19
C ARG A 147 -8.86 -11.06 -8.44
N ILE A 148 -8.92 -11.06 -7.10
CA ILE A 148 -8.29 -10.00 -6.32
C ILE A 148 -6.78 -9.98 -6.53
N ILE A 149 -6.15 -11.15 -6.47
CA ILE A 149 -4.73 -11.28 -6.74
C ILE A 149 -4.37 -10.76 -8.13
N ASP A 150 -5.17 -11.12 -9.12
CA ASP A 150 -4.89 -10.64 -10.47
C ASP A 150 -5.05 -9.13 -10.60
N SER A 151 -6.01 -8.53 -9.88
CA SER A 151 -6.15 -7.08 -9.87
C SER A 151 -4.92 -6.40 -9.27
N ALA A 152 -4.39 -6.94 -8.16
CA ALA A 152 -3.16 -6.40 -7.59
C ALA A 152 -2.01 -6.49 -8.61
N ARG A 153 -1.84 -7.69 -9.16
CA ARG A 153 -0.76 -7.93 -10.11
CA ARG A 153 -0.75 -7.93 -10.11
C ARG A 153 -0.82 -6.95 -11.28
N SER A 154 -2.02 -6.78 -11.84
CA SER A 154 -2.19 -5.92 -13.01
C SER A 154 -1.82 -4.47 -12.72
N ALA A 155 -2.23 -3.99 -11.55
CA ALA A 155 -1.91 -2.62 -11.17
C ALA A 155 -0.40 -2.43 -10.97
N TYR A 156 0.22 -3.34 -10.21
CA TYR A 156 1.65 -3.28 -10.04
C TYR A 156 2.40 -3.35 -11.36
N GLN A 157 1.95 -4.23 -12.25
CA GLN A 157 2.65 -4.41 -13.51
C GLN A 157 2.58 -3.14 -14.37
N GLU A 158 1.40 -2.49 -14.45
CA GLU A 158 1.31 -1.25 -15.21
C GLU A 158 2.24 -0.20 -14.60
N ALA A 159 2.28 -0.13 -13.25
CA ALA A 159 3.15 0.84 -12.59
C ALA A 159 4.62 0.55 -12.94
N MET A 160 5.00 -0.74 -12.91
CA MET A 160 6.37 -1.13 -13.20
C MET A 160 6.73 -0.71 -14.63
N ASP A 161 5.81 -0.99 -15.56
CA ASP A 161 6.11 -0.68 -16.95
C ASP A 161 6.38 0.82 -17.16
N ILE A 162 5.52 1.67 -16.57
CA ILE A 162 5.74 3.10 -16.67
C ILE A 162 7.03 3.53 -15.99
N SER A 163 7.28 3.00 -14.78
CA SER A 163 8.43 3.41 -14.01
C SER A 163 9.74 3.09 -14.74
N LYS A 164 9.79 1.92 -15.40
CA LYS A 164 11.00 1.54 -16.10
C LYS A 164 11.26 2.43 -17.33
N LYS A 165 10.20 2.88 -17.99
CA LYS A 165 10.35 3.73 -19.16
C LYS A 165 10.68 5.18 -18.79
N GLU A 166 10.08 5.67 -17.69
CA GLU A 166 10.02 7.09 -17.43
C GLU A 166 10.80 7.64 -16.25
N MET A 167 11.32 6.76 -15.38
CA MET A 167 11.96 7.17 -14.14
CA MET A 167 11.97 7.21 -14.17
C MET A 167 13.34 6.55 -14.05
N PRO A 168 14.33 7.23 -13.43
CA PRO A 168 15.64 6.62 -13.19
C PRO A 168 15.55 5.48 -12.19
N PRO A 169 16.50 4.53 -12.22
CA PRO A 169 16.47 3.37 -11.35
C PRO A 169 16.61 3.69 -9.86
N THR A 170 17.06 4.92 -9.54
CA THR A 170 17.17 5.37 -8.17
C THR A 170 15.94 6.12 -7.66
N ASN A 171 14.97 6.38 -8.55
CA ASN A 171 13.85 7.16 -8.13
C ASN A 171 13.11 6.50 -6.96
N PRO A 172 12.83 7.20 -5.85
CA PRO A 172 12.24 6.56 -4.68
C PRO A 172 10.91 5.86 -4.95
N ILE A 173 10.05 6.48 -5.77
CA ILE A 173 8.76 5.86 -6.07
C ILE A 173 9.00 4.53 -6.79
N ARG A 174 9.90 4.54 -7.80
CA ARG A 174 10.22 3.31 -8.51
C ARG A 174 10.73 2.24 -7.54
N LEU A 175 11.64 2.64 -6.63
CA LEU A 175 12.17 1.69 -5.68
C LEU A 175 11.13 1.12 -4.73
N GLY A 176 10.27 2.00 -4.20
CA GLY A 176 9.23 1.53 -3.30
C GLY A 176 8.19 0.64 -3.96
N LEU A 177 7.83 0.98 -5.21
CA LEU A 177 6.99 0.11 -6.01
C LEU A 177 7.59 -1.28 -6.12
N ALA A 178 8.86 -1.35 -6.52
CA ALA A 178 9.51 -2.64 -6.68
C ALA A 178 9.59 -3.43 -5.37
N LEU A 179 9.91 -2.72 -4.27
CA LEU A 179 9.91 -3.34 -2.95
C LEU A 179 8.57 -4.04 -2.68
N ASN A 180 7.49 -3.30 -2.89
CA ASN A 180 6.18 -3.82 -2.56
C ASN A 180 5.73 -4.91 -3.52
N PHE A 181 6.02 -4.74 -4.82
CA PHE A 181 5.66 -5.77 -5.78
C PHE A 181 6.40 -7.07 -5.49
N SER A 182 7.67 -6.94 -5.07
CA SER A 182 8.45 -8.10 -4.67
C SER A 182 7.80 -8.80 -3.46
N VAL A 183 7.31 -8.03 -2.48
CA VAL A 183 6.57 -8.62 -1.35
C VAL A 183 5.28 -9.29 -1.82
N PHE A 184 4.57 -8.69 -2.77
CA PHE A 184 3.40 -9.34 -3.38
C PHE A 184 3.77 -10.72 -3.93
N HIS A 185 4.89 -10.79 -4.68
CA HIS A 185 5.26 -12.07 -5.23
C HIS A 185 5.53 -13.10 -4.13
N TYR A 186 6.23 -12.67 -3.07
CA TYR A 186 6.60 -13.63 -2.03
C TYR A 186 5.41 -14.08 -1.17
N GLU A 187 4.63 -13.11 -0.72
CA GLU A 187 3.62 -13.36 0.30
C GLU A 187 2.24 -13.70 -0.24
N ILE A 188 1.92 -13.22 -1.45
CA ILE A 188 0.58 -13.37 -2.01
C ILE A 188 0.52 -14.34 -3.19
N ALA A 189 1.47 -14.19 -4.13
CA ALA A 189 1.45 -14.95 -5.37
C ALA A 189 2.19 -16.28 -5.30
N ASN A 190 2.78 -16.62 -4.14
CA ASN A 190 3.49 -17.89 -4.02
C ASN A 190 4.61 -18.03 -5.06
N SER A 191 5.35 -16.93 -5.24
CA SER A 191 6.42 -16.83 -6.22
C SER A 191 7.69 -16.27 -5.59
N PRO A 192 8.30 -16.99 -4.61
CA PRO A 192 9.43 -16.43 -3.89
C PRO A 192 10.65 -16.20 -4.79
N GLU A 193 10.86 -17.02 -5.81
CA GLU A 193 11.97 -16.78 -6.72
C GLU A 193 11.82 -15.48 -7.51
N GLU A 194 10.59 -15.16 -7.94
CA GLU A 194 10.34 -13.90 -8.61
C GLU A 194 10.58 -12.72 -7.64
N ALA A 195 10.14 -12.89 -6.39
CA ALA A 195 10.33 -11.87 -5.36
C ALA A 195 11.80 -11.53 -5.17
N ILE A 196 12.62 -12.58 -5.07
CA ILE A 196 14.05 -12.45 -4.84
C ILE A 196 14.73 -11.83 -6.06
N SER A 197 14.39 -12.30 -7.26
CA SER A 197 14.98 -11.76 -8.46
CA SER A 197 14.97 -11.77 -8.47
C SER A 197 14.67 -10.28 -8.61
N LEU A 198 13.41 -9.90 -8.36
CA LEU A 198 13.04 -8.51 -8.50
C LEU A 198 13.78 -7.63 -7.50
N ALA A 199 13.85 -8.07 -6.23
CA ALA A 199 14.53 -7.26 -5.24
C ALA A 199 16.02 -7.08 -5.57
N LYS A 200 16.67 -8.15 -6.02
CA LYS A 200 18.09 -8.08 -6.32
CA LYS A 200 18.08 -8.14 -6.37
C LYS A 200 18.35 -7.21 -7.54
N THR A 201 17.60 -7.40 -8.64
CA THR A 201 17.78 -6.61 -9.83
CA THR A 201 17.83 -6.60 -9.84
C THR A 201 17.54 -5.12 -9.55
N THR A 202 16.50 -4.84 -8.77
CA THR A 202 16.19 -3.45 -8.43
C THR A 202 17.35 -2.82 -7.66
N PHE A 203 17.84 -3.56 -6.63
CA PHE A 203 18.94 -3.06 -5.80
C PHE A 203 20.17 -2.75 -6.67
N ASP A 204 20.54 -3.71 -7.52
CA ASP A 204 21.73 -3.60 -8.33
C ASP A 204 21.67 -2.45 -9.32
N GLU A 205 20.52 -2.27 -9.95
CA GLU A 205 20.36 -1.21 -10.93
C GLU A 205 20.39 0.17 -10.25
N ALA A 206 19.85 0.24 -9.03
CA ALA A 206 19.94 1.46 -8.26
C ALA A 206 21.39 1.76 -7.88
N MET A 207 22.09 0.74 -7.37
CA MET A 207 23.48 0.93 -6.96
C MET A 207 24.31 1.59 -8.07
N ALA A 208 24.11 1.11 -9.30
CA ALA A 208 24.87 1.61 -10.45
C ALA A 208 24.55 3.05 -10.86
N ASP A 209 23.44 3.61 -10.37
CA ASP A 209 23.04 4.97 -10.71
C ASP A 209 23.23 5.96 -9.56
N LEU A 210 23.69 5.50 -8.37
CA LEU A 210 23.84 6.38 -7.24
C LEU A 210 24.81 7.54 -7.49
N HIS A 211 25.78 7.33 -8.36
CA HIS A 211 26.80 8.32 -8.64
C HIS A 211 26.23 9.63 -9.21
N THR A 212 25.01 9.58 -9.77
CA THR A 212 24.38 10.74 -10.39
C THR A 212 23.70 11.66 -9.40
N LEU A 213 23.57 11.22 -8.14
CA LEU A 213 22.69 11.84 -7.16
C LEU A 213 23.41 12.83 -6.24
N SER A 214 22.66 13.86 -5.86
CA SER A 214 22.99 14.74 -4.76
C SER A 214 23.05 14.00 -3.43
N GLU A 215 23.64 14.64 -2.40
CA GLU A 215 23.67 14.09 -1.05
C GLU A 215 22.29 13.73 -0.53
N ASP A 216 21.31 14.63 -0.73
CA ASP A 216 19.97 14.38 -0.20
C ASP A 216 19.23 13.28 -0.97
N SER A 217 19.37 13.26 -2.30
CA SER A 217 18.75 12.21 -3.10
C SER A 217 19.38 10.85 -2.81
N TYR A 218 20.71 10.87 -2.61
CA TYR A 218 21.41 9.66 -2.24
C TYR A 218 20.86 9.07 -0.94
N LYS A 219 20.61 9.93 0.04
CA LYS A 219 20.09 9.46 1.31
C LYS A 219 18.74 8.75 1.13
N ASP A 220 17.84 9.35 0.33
CA ASP A 220 16.52 8.76 0.12
C ASP A 220 16.63 7.40 -0.58
N SER A 221 17.39 7.36 -1.68
CA SER A 221 17.48 6.13 -2.44
C SER A 221 18.13 5.01 -1.64
N THR A 222 19.23 5.31 -0.92
CA THR A 222 19.91 4.29 -0.13
C THR A 222 19.06 3.74 1.01
N LEU A 223 18.24 4.58 1.61
CA LEU A 223 17.33 4.09 2.62
C LEU A 223 16.37 3.04 2.09
N ILE A 224 15.82 3.26 0.91
CA ILE A 224 14.92 2.25 0.37
C ILE A 224 15.68 1.02 -0.11
N MET A 225 16.87 1.24 -0.65
CA MET A 225 17.70 0.10 -1.05
C MET A 225 17.97 -0.82 0.16
N GLN A 226 18.15 -0.22 1.35
CA GLN A 226 18.38 -1.03 2.55
C GLN A 226 17.18 -1.90 2.88
N LEU A 227 15.95 -1.43 2.59
CA LEU A 227 14.78 -2.26 2.77
C LEU A 227 14.75 -3.45 1.80
N LEU A 228 15.17 -3.23 0.54
CA LEU A 228 15.32 -4.33 -0.39
C LEU A 228 16.29 -5.37 0.18
N ARG A 229 17.45 -4.88 0.66
CA ARG A 229 18.46 -5.78 1.23
C ARG A 229 17.95 -6.53 2.46
N ASP A 230 17.18 -5.85 3.30
CA ASP A 230 16.61 -6.48 4.49
C ASP A 230 15.69 -7.64 4.10
N ASN A 231 14.85 -7.42 3.07
CA ASN A 231 13.97 -8.48 2.61
C ASN A 231 14.76 -9.63 2.02
N LEU A 232 15.78 -9.32 1.20
CA LEU A 232 16.62 -10.37 0.64
C LEU A 232 17.26 -11.20 1.75
N THR A 233 17.70 -10.54 2.83
CA THR A 233 18.31 -11.25 3.95
C THR A 233 17.31 -12.17 4.65
N LEU A 234 16.07 -11.69 4.78
CA LEU A 234 15.00 -12.49 5.35
C LEU A 234 14.69 -13.74 4.52
N TRP A 235 14.82 -13.61 3.18
CA TRP A 235 14.36 -14.62 2.26
C TRP A 235 15.44 -15.60 1.79
N THR A 236 16.70 -15.31 2.10
CA THR A 236 17.82 -16.12 1.66
C THR A 236 18.69 -16.59 2.85
N PHE B 1 7.36 -10.07 9.39
CA PHE B 1 6.81 -9.65 8.10
C PHE B 1 7.85 -8.85 7.32
N PRO B 2 7.84 -8.94 5.97
CA PRO B 2 8.79 -8.18 5.17
C PRO B 2 8.46 -6.69 5.10
N ALA B 3 9.44 -5.89 4.74
CA ALA B 3 9.29 -4.45 4.64
C ALA B 3 8.52 -4.05 3.37
N VAL B 5 6.64 -0.08 1.84
CA VAL B 5 6.49 1.36 2.04
C VAL B 5 5.23 1.91 1.51
#